data_8AR1
#
_entry.id   8AR1
#
_cell.length_a   1.000
_cell.length_b   1.000
_cell.length_c   1.000
_cell.angle_alpha   90.00
_cell.angle_beta   90.00
_cell.angle_gamma   90.00
#
_symmetry.space_group_name_H-M   'P 1'
#
_entity_poly.entity_id   1
_entity_poly.type   'polypeptide(L)'
_entity_poly.pdbx_seq_one_letter_code
;MDSAPFELFFMINTSILLIFIFIVLLIHFEGWRISFYWNVSVHRVLGFKE
;
_entity_poly.pdbx_strand_id   A
#
# COMPACT_ATOMS: atom_id res chain seq x y z
N MET A 1 -2.63 -2.62 20.79
CA MET A 1 -3.14 -2.45 19.44
C MET A 1 -2.01 -2.11 18.46
N ASP A 2 -2.16 -2.52 17.22
CA ASP A 2 -1.16 -2.27 16.19
C ASP A 2 -1.24 -0.83 15.69
N SER A 3 -0.14 -0.10 15.80
CA SER A 3 -0.09 1.29 15.37
C SER A 3 1.34 1.81 15.34
N ALA A 4 1.53 3.00 14.79
CA ALA A 4 2.85 3.61 14.70
C ALA A 4 3.82 2.69 13.99
N PRO A 5 3.68 2.58 12.66
CA PRO A 5 4.54 1.73 11.83
C PRO A 5 5.96 2.27 11.73
N PHE A 6 6.07 3.59 11.57
CA PHE A 6 7.37 4.24 11.45
C PHE A 6 8.30 3.80 12.58
N GLU A 7 7.77 3.77 13.80
CA GLU A 7 8.56 3.37 14.96
C GLU A 7 8.84 1.87 14.93
N LEU A 8 7.94 1.11 14.31
CA LEU A 8 8.08 -0.33 14.22
C LEU A 8 9.34 -0.70 13.43
N PHE A 9 9.64 0.09 12.41
CA PHE A 9 10.83 -0.16 11.58
C PHE A 9 12.10 -0.06 12.41
N PHE A 10 12.09 0.83 13.40
CA PHE A 10 13.25 1.02 14.26
C PHE A 10 13.57 -0.25 15.04
N MET A 11 12.61 -1.17 15.08
CA MET A 11 12.80 -2.43 15.79
C MET A 11 13.75 -3.35 15.01
N ILE A 12 13.26 -3.88 13.90
CA ILE A 12 14.07 -4.77 13.06
C ILE A 12 14.21 -4.24 11.65
N ASN A 13 15.15 -4.80 10.90
CA ASN A 13 15.38 -4.38 9.52
C ASN A 13 14.44 -5.11 8.56
N THR A 14 14.18 -6.38 8.85
CA THR A 14 13.31 -7.19 8.02
C THR A 14 11.98 -6.48 7.77
N SER A 15 11.51 -5.74 8.76
CA SER A 15 10.24 -5.02 8.66
C SER A 15 10.18 -4.26 7.33
N ILE A 16 11.24 -3.54 7.01
CA ILE A 16 11.30 -2.77 5.78
C ILE A 16 11.35 -3.68 4.56
N LEU A 17 12.01 -4.82 4.70
CA LEU A 17 12.13 -5.78 3.61
C LEU A 17 10.76 -6.33 3.22
N LEU A 18 10.10 -6.99 4.16
CA LEU A 18 8.77 -7.56 3.91
C LEU A 18 7.86 -6.54 3.25
N ILE A 19 7.64 -5.41 3.93
CA ILE A 19 6.79 -4.35 3.42
C ILE A 19 7.20 -3.96 2.00
N PHE A 20 8.51 -3.93 1.76
CA PHE A 20 9.04 -3.58 0.44
C PHE A 20 8.62 -4.61 -0.61
N ILE A 21 8.57 -5.87 -0.21
CA ILE A 21 8.19 -6.95 -1.11
C ILE A 21 6.68 -6.99 -1.31
N PHE A 22 5.93 -6.89 -0.22
CA PHE A 22 4.47 -6.90 -0.28
C PHE A 22 3.95 -5.66 -1.01
N ILE A 23 4.52 -4.51 -0.70
CA ILE A 23 4.11 -3.26 -1.33
C ILE A 23 4.34 -3.29 -2.83
N VAL A 24 5.59 -3.52 -3.23
CA VAL A 24 5.95 -3.58 -4.64
C VAL A 24 5.11 -4.62 -5.37
N LEU A 25 4.75 -5.69 -4.67
CA LEU A 25 3.95 -6.76 -5.25
C LEU A 25 2.50 -6.32 -5.41
N LEU A 26 1.93 -5.75 -4.35
CA LEU A 26 0.56 -5.29 -4.38
C LEU A 26 0.29 -4.40 -5.60
N ILE A 27 1.12 -3.37 -5.76
CA ILE A 27 0.99 -2.46 -6.88
C ILE A 27 0.89 -3.22 -8.20
N HIS A 28 1.56 -4.36 -8.27
CA HIS A 28 1.54 -5.18 -9.47
C HIS A 28 0.14 -5.70 -9.76
N PHE A 29 -0.51 -6.24 -8.73
CA PHE A 29 -1.86 -6.77 -8.87
C PHE A 29 -2.90 -5.65 -8.92
N GLU A 30 -2.56 -4.51 -8.31
CA GLU A 30 -3.46 -3.36 -8.28
C GLU A 30 -3.43 -2.63 -9.63
N GLY A 31 -2.27 -2.63 -10.28
CA GLY A 31 -2.15 -1.97 -11.55
C GLY A 31 -3.26 -2.33 -12.51
N TRP A 32 -3.75 -3.55 -12.42
CA TRP A 32 -4.83 -4.02 -13.28
C TRP A 32 -6.18 -3.57 -12.76
N ARG A 33 -6.32 -3.54 -11.43
CA ARG A 33 -7.57 -3.12 -10.81
C ARG A 33 -7.90 -1.67 -11.14
N ILE A 34 -6.87 -0.91 -11.53
CA ILE A 34 -7.05 0.49 -11.89
C ILE A 34 -8.21 0.66 -12.86
N SER A 35 -8.43 -0.35 -13.70
CA SER A 35 -9.50 -0.30 -14.68
C SER A 35 -10.87 -0.50 -14.01
N PHE A 36 -10.99 -1.59 -13.26
CA PHE A 36 -12.24 -1.90 -12.57
C PHE A 36 -12.60 -0.80 -11.58
N TYR A 37 -11.57 -0.20 -10.99
CA TYR A 37 -11.77 0.87 -10.01
C TYR A 37 -11.50 2.24 -10.63
N TRP A 38 -11.82 2.36 -11.92
CA TRP A 38 -11.60 3.62 -12.64
C TRP A 38 -12.46 4.73 -12.04
N ASN A 39 -13.70 4.41 -11.69
CA ASN A 39 -14.61 5.38 -11.11
C ASN A 39 -14.01 6.01 -9.85
N VAL A 40 -13.27 5.20 -9.09
CA VAL A 40 -12.64 5.68 -7.87
C VAL A 40 -11.29 6.34 -8.16
N SER A 41 -10.83 7.15 -7.22
CA SER A 41 -9.55 7.84 -7.37
C SER A 41 -8.55 7.38 -6.31
N VAL A 42 -8.59 6.10 -5.99
CA VAL A 42 -7.69 5.52 -5.00
C VAL A 42 -6.23 5.81 -5.35
N HIS A 43 -5.85 5.49 -6.58
CA HIS A 43 -4.49 5.70 -7.05
C HIS A 43 -4.05 7.14 -6.80
N ARG A 44 -4.81 8.09 -7.35
CA ARG A 44 -4.49 9.50 -7.18
C ARG A 44 -4.31 9.85 -5.71
N VAL A 45 -5.13 9.23 -4.86
CA VAL A 45 -5.05 9.48 -3.42
C VAL A 45 -3.64 9.27 -2.89
N LEU A 46 -2.91 8.34 -3.52
CA LEU A 46 -1.54 8.05 -3.11
C LEU A 46 -0.54 8.77 -4.01
N GLY A 47 -0.89 8.89 -5.29
CA GLY A 47 -0.02 9.56 -6.24
C GLY A 47 0.43 10.93 -5.75
N PHE A 48 -0.51 11.71 -5.25
CA PHE A 48 -0.21 13.05 -4.75
C PHE A 48 0.35 12.98 -3.33
N LYS A 49 -0.23 12.12 -2.52
CA LYS A 49 0.21 11.97 -1.14
C LYS A 49 1.72 11.72 -1.07
N GLU A 50 2.18 10.72 -1.81
CA GLU A 50 3.60 10.38 -1.85
C GLU A 50 4.41 11.52 -2.45
N MET A 1 -1.61 -7.06 10.27
CA MET A 1 -0.90 -8.13 10.98
C MET A 1 -0.53 -7.69 12.39
N ASP A 2 0.42 -6.77 12.48
CA ASP A 2 0.87 -6.26 13.77
C ASP A 2 0.22 -4.93 14.09
N SER A 3 0.02 -4.67 15.39
CA SER A 3 -0.60 -3.42 15.83
C SER A 3 0.45 -2.38 16.18
N ALA A 4 1.54 -2.35 15.40
CA ALA A 4 2.62 -1.40 15.64
C ALA A 4 3.72 -1.57 14.60
N PRO A 5 3.40 -1.22 13.34
CA PRO A 5 4.35 -1.33 12.23
C PRO A 5 5.47 -0.29 12.34
N PHE A 6 5.10 0.96 12.57
CA PHE A 6 6.08 2.03 12.69
C PHE A 6 7.12 1.71 13.75
N GLU A 7 6.70 1.00 14.79
CA GLU A 7 7.59 0.62 15.88
C GLU A 7 8.44 -0.59 15.49
N LEU A 8 7.88 -1.44 14.62
CA LEU A 8 8.58 -2.64 14.18
C LEU A 8 9.84 -2.27 13.40
N PHE A 9 9.81 -1.13 12.74
CA PHE A 9 10.95 -0.67 11.95
C PHE A 9 12.20 -0.57 12.84
N PHE A 10 12.00 -0.18 14.09
CA PHE A 10 13.10 -0.03 15.03
C PHE A 10 13.49 -1.39 15.62
N MET A 11 12.61 -2.36 15.49
CA MET A 11 12.86 -3.70 16.00
C MET A 11 13.88 -4.44 15.14
N ILE A 12 13.45 -4.84 13.95
CA ILE A 12 14.34 -5.55 13.04
C ILE A 12 14.36 -4.89 11.66
N ASN A 13 15.33 -5.25 10.84
CA ASN A 13 15.46 -4.69 9.50
C ASN A 13 14.49 -5.35 8.54
N THR A 14 14.22 -6.64 8.76
CA THR A 14 13.30 -7.39 7.90
C THR A 14 11.98 -6.65 7.73
N SER A 15 11.60 -5.89 8.74
CA SER A 15 10.36 -5.13 8.70
C SER A 15 10.23 -4.36 7.39
N ILE A 16 11.21 -3.49 7.11
CA ILE A 16 11.21 -2.70 5.90
C ILE A 16 11.26 -3.59 4.66
N LEU A 17 11.99 -4.70 4.77
CA LEU A 17 12.13 -5.64 3.66
C LEU A 17 10.78 -6.21 3.26
N LEU A 18 10.10 -6.84 4.21
CA LEU A 18 8.80 -7.44 3.95
C LEU A 18 7.87 -6.42 3.30
N ILE A 19 7.66 -5.29 3.97
CA ILE A 19 6.79 -4.24 3.43
C ILE A 19 7.18 -3.88 2.01
N PHE A 20 8.48 -3.84 1.74
CA PHE A 20 8.98 -3.50 0.41
C PHE A 20 8.57 -4.56 -0.60
N ILE A 21 8.60 -5.82 -0.18
CA ILE A 21 8.22 -6.92 -1.06
C ILE A 21 6.72 -6.97 -1.28
N PHE A 22 5.96 -6.86 -0.19
CA PHE A 22 4.50 -6.88 -0.27
C PHE A 22 3.97 -5.66 -1.02
N ILE A 23 4.53 -4.50 -0.72
CA ILE A 23 4.13 -3.26 -1.37
C ILE A 23 4.35 -3.33 -2.87
N VAL A 24 5.60 -3.55 -3.26
CA VAL A 24 5.95 -3.64 -4.68
C VAL A 24 5.12 -4.70 -5.39
N LEU A 25 4.76 -5.75 -4.66
CA LEU A 25 3.97 -6.84 -5.21
C LEU A 25 2.52 -6.41 -5.40
N LEU A 26 1.94 -5.83 -4.36
CA LEU A 26 0.56 -5.36 -4.41
C LEU A 26 0.32 -4.50 -5.64
N ILE A 27 1.15 -3.47 -5.81
CA ILE A 27 1.02 -2.57 -6.95
C ILE A 27 0.91 -3.34 -8.26
N HIS A 28 1.57 -4.49 -8.31
CA HIS A 28 1.56 -5.33 -9.50
C HIS A 28 0.13 -5.80 -9.81
N PHE A 29 -0.59 -6.22 -8.78
CA PHE A 29 -1.96 -6.69 -8.93
C PHE A 29 -2.94 -5.52 -8.96
N GLU A 30 -2.56 -4.44 -8.30
CA GLU A 30 -3.42 -3.25 -8.25
C GLU A 30 -3.43 -2.53 -9.60
N GLY A 31 -2.30 -2.58 -10.31
CA GLY A 31 -2.21 -1.94 -11.60
C GLY A 31 -3.40 -2.24 -12.49
N TRP A 32 -3.94 -3.44 -12.36
CA TRP A 32 -5.08 -3.86 -13.16
C TRP A 32 -6.39 -3.44 -12.50
N ARG A 33 -6.41 -3.47 -11.17
CA ARG A 33 -7.60 -3.09 -10.41
C ARG A 33 -7.98 -1.64 -10.68
N ILE A 34 -7.01 -0.87 -11.16
CA ILE A 34 -7.25 0.54 -11.47
C ILE A 34 -8.52 0.73 -12.28
N SER A 35 -8.82 -0.24 -13.13
CA SER A 35 -10.02 -0.18 -13.96
C SER A 35 -11.27 -0.46 -13.13
N PHE A 36 -11.27 -1.56 -12.40
CA PHE A 36 -12.41 -1.94 -11.57
C PHE A 36 -12.69 -0.86 -10.53
N TYR A 37 -11.63 -0.21 -10.06
CA TYR A 37 -11.77 0.84 -9.06
C TYR A 37 -11.66 2.22 -9.70
N TRP A 38 -12.17 2.34 -10.92
CA TRP A 38 -12.13 3.61 -11.64
C TRP A 38 -13.08 4.61 -11.02
N ASN A 39 -14.31 4.19 -10.77
CA ASN A 39 -15.31 5.07 -10.17
C ASN A 39 -14.79 5.69 -8.89
N VAL A 40 -14.01 4.93 -8.13
CA VAL A 40 -13.43 5.42 -6.88
C VAL A 40 -12.20 6.28 -7.14
N SER A 41 -11.87 7.13 -6.18
CA SER A 41 -10.73 8.02 -6.30
C SER A 41 -9.60 7.59 -5.37
N VAL A 42 -8.37 7.95 -5.73
CA VAL A 42 -7.22 7.60 -4.91
C VAL A 42 -7.41 8.01 -3.46
N HIS A 43 -7.92 9.22 -3.25
CA HIS A 43 -8.17 9.73 -1.91
C HIS A 43 -9.12 8.81 -1.14
N ARG A 44 -10.19 8.39 -1.81
CA ARG A 44 -11.17 7.51 -1.19
C ARG A 44 -10.49 6.28 -0.59
N VAL A 45 -9.41 5.83 -1.22
CA VAL A 45 -8.68 4.67 -0.75
C VAL A 45 -7.77 5.02 0.43
N LEU A 46 -7.29 6.26 0.44
CA LEU A 46 -6.42 6.73 1.52
C LEU A 46 -7.20 6.91 2.82
N GLY A 47 -7.92 8.01 2.93
CA GLY A 47 -8.70 8.28 4.12
C GLY A 47 -9.85 7.30 4.29
N PHE A 48 -11.00 7.64 3.73
CA PHE A 48 -12.19 6.79 3.82
C PHE A 48 -12.98 6.82 2.52
N LYS A 49 -14.01 5.99 2.44
CA LYS A 49 -14.86 5.91 1.26
C LYS A 49 -16.31 5.65 1.63
N GLU A 50 -17.18 5.63 0.63
CA GLU A 50 -18.60 5.38 0.86
C GLU A 50 -19.04 4.07 0.24
N MET A 1 -5.64 -0.23 15.52
CA MET A 1 -6.08 -0.43 14.14
C MET A 1 -4.89 -0.37 13.18
N ASP A 2 -4.15 0.72 13.23
CA ASP A 2 -2.99 0.90 12.36
C ASP A 2 -1.69 0.83 13.17
N SER A 3 -0.86 -0.15 12.86
CA SER A 3 0.41 -0.33 13.55
C SER A 3 1.37 0.82 13.24
N ALA A 4 2.53 0.80 13.89
CA ALA A 4 3.54 1.84 13.67
C ALA A 4 4.78 1.26 13.00
N PRO A 5 4.67 0.98 11.69
CA PRO A 5 5.78 0.42 10.91
C PRO A 5 6.91 1.43 10.70
N PHE A 6 6.55 2.71 10.62
CA PHE A 6 7.54 3.77 10.42
C PHE A 6 8.64 3.67 11.46
N GLU A 7 8.28 3.22 12.66
CA GLU A 7 9.25 3.10 13.75
C GLU A 7 10.02 1.79 13.64
N LEU A 8 9.38 0.78 13.05
CA LEU A 8 10.00 -0.53 12.89
C LEU A 8 11.32 -0.42 12.14
N PHE A 9 11.44 0.62 11.32
CA PHE A 9 12.66 0.84 10.54
C PHE A 9 13.88 0.83 11.44
N PHE A 10 13.73 1.35 12.66
CA PHE A 10 14.82 1.41 13.62
C PHE A 10 14.91 0.12 14.43
N MET A 11 13.79 -0.62 14.47
CA MET A 11 13.74 -1.88 15.20
C MET A 11 14.53 -2.97 14.48
N ILE A 12 13.96 -3.48 13.39
CA ILE A 12 14.62 -4.52 12.61
C ILE A 12 14.66 -4.16 11.12
N ASN A 13 15.49 -4.87 10.37
CA ASN A 13 15.62 -4.62 8.94
C ASN A 13 14.55 -5.38 8.15
N THR A 14 14.32 -6.64 8.54
CA THR A 14 13.34 -7.47 7.88
C THR A 14 12.00 -6.76 7.75
N SER A 15 11.65 -5.99 8.78
CA SER A 15 10.39 -5.25 8.78
C SER A 15 10.22 -4.46 7.48
N ILE A 16 11.19 -3.60 7.20
CA ILE A 16 11.16 -2.78 5.99
C ILE A 16 11.20 -3.64 4.74
N LEU A 17 11.98 -4.73 4.79
CA LEU A 17 12.11 -5.64 3.67
C LEU A 17 10.75 -6.19 3.26
N LEU A 18 10.07 -6.84 4.21
CA LEU A 18 8.77 -7.42 3.96
C LEU A 18 7.82 -6.40 3.33
N ILE A 19 7.69 -5.25 3.99
CA ILE A 19 6.83 -4.18 3.49
C ILE A 19 7.18 -3.81 2.06
N PHE A 20 8.47 -3.75 1.76
CA PHE A 20 8.94 -3.41 0.42
C PHE A 20 8.52 -4.48 -0.59
N ILE A 21 8.58 -5.74 -0.16
CA ILE A 21 8.21 -6.86 -1.03
C ILE A 21 6.71 -6.90 -1.26
N PHE A 22 5.94 -6.77 -0.18
CA PHE A 22 4.49 -6.79 -0.28
C PHE A 22 3.97 -5.58 -1.04
N ILE A 23 4.57 -4.42 -0.79
CA ILE A 23 4.18 -3.18 -1.46
C ILE A 23 4.40 -3.29 -2.96
N VAL A 24 5.65 -3.53 -3.36
CA VAL A 24 5.99 -3.65 -4.77
C VAL A 24 5.14 -4.71 -5.46
N LEU A 25 4.77 -5.75 -4.70
CA LEU A 25 3.96 -6.84 -5.23
C LEU A 25 2.51 -6.39 -5.41
N LEU A 26 1.96 -5.78 -4.37
CA LEU A 26 0.57 -5.31 -4.41
C LEU A 26 0.32 -4.46 -5.65
N ILE A 27 1.15 -3.44 -5.85
CA ILE A 27 1.02 -2.56 -7.01
C ILE A 27 0.90 -3.37 -8.30
N HIS A 28 1.55 -4.53 -8.33
CA HIS A 28 1.52 -5.39 -9.51
C HIS A 28 0.10 -5.87 -9.78
N PHE A 29 -0.61 -6.26 -8.73
CA PHE A 29 -1.98 -6.75 -8.85
C PHE A 29 -2.96 -5.58 -8.90
N GLU A 30 -2.57 -4.46 -8.28
CA GLU A 30 -3.43 -3.28 -8.25
C GLU A 30 -3.44 -2.58 -9.61
N GLY A 31 -2.29 -2.61 -10.29
CA GLY A 31 -2.19 -1.97 -11.59
C GLY A 31 -3.34 -2.33 -12.51
N TRP A 32 -3.83 -3.56 -12.37
CA TRP A 32 -4.95 -4.02 -13.20
C TRP A 32 -6.28 -3.64 -12.59
N ARG A 33 -6.34 -3.66 -11.26
CA ARG A 33 -7.57 -3.32 -10.54
C ARG A 33 -8.00 -1.88 -10.85
N ILE A 34 -7.05 -1.08 -11.32
CA ILE A 34 -7.33 0.31 -11.66
C ILE A 34 -8.57 0.43 -12.52
N SER A 35 -8.80 -0.57 -13.36
CA SER A 35 -9.96 -0.59 -14.25
C SER A 35 -11.24 -0.87 -13.47
N PHE A 36 -11.23 -1.97 -12.71
CA PHE A 36 -12.39 -2.35 -11.92
C PHE A 36 -12.75 -1.27 -10.90
N TYR A 37 -11.72 -0.60 -10.40
CA TYR A 37 -11.92 0.47 -9.42
C TYR A 37 -11.79 1.85 -10.07
N TRP A 38 -12.24 1.94 -11.31
CA TRP A 38 -12.18 3.20 -12.05
C TRP A 38 -13.19 4.20 -11.52
N ASN A 39 -14.36 3.70 -11.14
CA ASN A 39 -15.42 4.55 -10.60
C ASN A 39 -14.96 5.26 -9.33
N VAL A 40 -14.17 4.56 -8.54
CA VAL A 40 -13.66 5.12 -7.29
C VAL A 40 -12.49 6.08 -7.55
N SER A 41 -12.26 6.99 -6.61
CA SER A 41 -11.18 7.96 -6.74
C SER A 41 -10.18 7.81 -5.61
N VAL A 42 -9.48 6.68 -5.58
CA VAL A 42 -8.49 6.41 -4.55
C VAL A 42 -7.41 7.49 -4.54
N HIS A 43 -6.86 7.78 -5.72
CA HIS A 43 -5.81 8.78 -5.85
C HIS A 43 -6.25 10.10 -5.20
N ARG A 44 -7.33 10.67 -5.70
CA ARG A 44 -7.84 11.93 -5.16
C ARG A 44 -8.09 11.83 -3.67
N VAL A 45 -8.49 10.63 -3.22
CA VAL A 45 -8.76 10.41 -1.80
C VAL A 45 -7.57 10.80 -0.95
N LEU A 46 -6.37 10.66 -1.50
CA LEU A 46 -5.14 11.00 -0.78
C LEU A 46 -4.77 12.46 -1.00
N GLY A 47 -4.58 12.84 -2.26
CA GLY A 47 -4.23 14.21 -2.59
C GLY A 47 -4.37 14.51 -4.06
N PHE A 48 -5.58 14.85 -4.48
CA PHE A 48 -5.85 15.16 -5.88
C PHE A 48 -5.01 16.35 -6.35
N LYS A 49 -4.86 17.34 -5.47
CA LYS A 49 -4.07 18.53 -5.78
C LYS A 49 -2.61 18.17 -6.00
N GLU A 50 -2.01 18.78 -7.02
CA GLU A 50 -0.61 18.53 -7.34
C GLU A 50 0.28 18.85 -6.14
N MET A 1 -1.75 0.28 10.07
CA MET A 1 -1.54 0.67 11.45
C MET A 1 -2.45 -0.12 12.39
N ASP A 2 -2.55 -1.42 12.13
CA ASP A 2 -3.39 -2.30 12.95
C ASP A 2 -2.69 -2.64 14.27
N SER A 3 -1.59 -3.38 14.18
CA SER A 3 -0.84 -3.77 15.36
C SER A 3 0.16 -2.68 15.76
N ALA A 4 1.24 -2.58 15.00
CA ALA A 4 2.28 -1.59 15.27
C ALA A 4 3.39 -1.67 14.23
N PRO A 5 3.07 -1.31 12.97
CA PRO A 5 4.03 -1.33 11.87
C PRO A 5 5.10 -0.25 12.01
N PHE A 6 4.65 0.98 12.28
CA PHE A 6 5.58 2.11 12.44
C PHE A 6 6.63 1.80 13.50
N GLU A 7 6.24 1.04 14.51
CA GLU A 7 7.15 0.68 15.59
C GLU A 7 8.00 -0.52 15.20
N LEU A 8 7.45 -1.38 14.34
CA LEU A 8 8.17 -2.57 13.89
C LEU A 8 9.38 -2.19 13.04
N PHE A 9 9.28 -1.07 12.34
CA PHE A 9 10.37 -0.60 11.49
C PHE A 9 11.63 -0.36 12.33
N PHE A 10 11.44 0.09 13.55
CA PHE A 10 12.56 0.37 14.45
C PHE A 10 13.00 -0.89 15.18
N MET A 11 12.12 -1.89 15.19
CA MET A 11 12.42 -3.16 15.85
C MET A 11 13.46 -3.95 15.07
N ILE A 12 13.07 -4.48 13.91
CA ILE A 12 13.97 -5.25 13.08
C ILE A 12 14.07 -4.65 11.67
N ASN A 13 15.08 -5.09 10.92
CA ASN A 13 15.28 -4.61 9.56
C ASN A 13 14.34 -5.31 8.58
N THR A 14 14.08 -6.59 8.84
CA THR A 14 13.20 -7.39 7.99
C THR A 14 11.89 -6.66 7.73
N SER A 15 11.45 -5.87 8.69
CA SER A 15 10.20 -5.12 8.57
C SER A 15 10.21 -4.26 7.29
N ILE A 16 11.36 -3.64 7.02
CA ILE A 16 11.50 -2.80 5.84
C ILE A 16 11.45 -3.63 4.56
N LEU A 17 12.13 -4.77 4.58
CA LEU A 17 12.17 -5.66 3.41
C LEU A 17 10.78 -6.23 3.13
N LEU A 18 10.15 -6.80 4.15
CA LEU A 18 8.82 -7.38 4.01
C LEU A 18 7.86 -6.38 3.37
N ILE A 19 7.60 -5.28 4.07
CA ILE A 19 6.70 -4.25 3.58
C ILE A 19 7.07 -3.84 2.15
N PHE A 20 8.37 -3.80 1.87
CA PHE A 20 8.85 -3.42 0.55
C PHE A 20 8.49 -4.48 -0.49
N ILE A 21 8.57 -5.74 -0.08
CA ILE A 21 8.25 -6.85 -0.98
C ILE A 21 6.75 -6.93 -1.24
N PHE A 22 5.97 -6.84 -0.17
CA PHE A 22 4.51 -6.90 -0.28
C PHE A 22 3.97 -5.69 -1.03
N ILE A 23 4.53 -4.52 -0.74
CA ILE A 23 4.11 -3.28 -1.39
C ILE A 23 4.35 -3.35 -2.89
N VAL A 24 5.60 -3.54 -3.29
CA VAL A 24 5.96 -3.62 -4.70
C VAL A 24 5.14 -4.70 -5.41
N LEU A 25 4.80 -5.76 -4.68
CA LEU A 25 4.01 -6.85 -5.24
C LEU A 25 2.56 -6.44 -5.42
N LEU A 26 1.98 -5.85 -4.38
CA LEU A 26 0.58 -5.41 -4.43
C LEU A 26 0.34 -4.54 -5.66
N ILE A 27 1.15 -3.51 -5.83
CA ILE A 27 1.01 -2.60 -6.96
C ILE A 27 0.91 -3.38 -8.26
N HIS A 28 1.58 -4.52 -8.32
CA HIS A 28 1.56 -5.36 -9.52
C HIS A 28 0.13 -5.83 -9.83
N PHE A 29 -0.58 -6.23 -8.79
CA PHE A 29 -1.95 -6.70 -8.95
C PHE A 29 -2.94 -5.55 -8.95
N GLU A 30 -2.57 -4.46 -8.29
CA GLU A 30 -3.41 -3.27 -8.21
C GLU A 30 -3.42 -2.52 -9.54
N GLY A 31 -2.28 -2.56 -10.23
CA GLY A 31 -2.18 -1.87 -11.51
C GLY A 31 -3.36 -2.15 -12.42
N TRP A 32 -3.90 -3.35 -12.32
CA TRP A 32 -5.04 -3.74 -13.14
C TRP A 32 -6.35 -3.28 -12.52
N ARG A 33 -6.41 -3.31 -11.18
CA ARG A 33 -7.61 -2.89 -10.47
C ARG A 33 -7.92 -1.43 -10.74
N ILE A 34 -6.91 -0.68 -11.18
CA ILE A 34 -7.07 0.74 -11.48
C ILE A 34 -8.32 0.97 -12.33
N SER A 35 -8.64 0.02 -13.19
CA SER A 35 -9.79 0.13 -14.07
C SER A 35 -11.09 -0.08 -13.27
N PHE A 36 -11.17 -1.19 -12.56
CA PHE A 36 -12.35 -1.51 -11.76
C PHE A 36 -12.61 -0.41 -10.74
N TYR A 37 -11.55 0.21 -10.24
CA TYR A 37 -11.68 1.27 -9.25
C TYR A 37 -11.47 2.64 -9.90
N TRP A 38 -11.93 2.77 -11.13
CA TRP A 38 -11.80 4.02 -11.87
C TRP A 38 -12.96 4.97 -11.55
N ASN A 39 -14.18 4.45 -11.65
CA ASN A 39 -15.38 5.23 -11.38
C ASN A 39 -15.35 5.78 -9.95
N VAL A 40 -14.80 5.00 -9.03
CA VAL A 40 -14.71 5.40 -7.64
C VAL A 40 -14.08 6.78 -7.51
N SER A 41 -13.17 7.10 -8.42
CA SER A 41 -12.48 8.39 -8.39
C SER A 41 -12.84 9.21 -9.63
N VAL A 42 -13.80 10.13 -9.47
CA VAL A 42 -14.24 10.97 -10.57
C VAL A 42 -13.07 11.72 -11.20
N HIS A 43 -12.13 12.15 -10.35
CA HIS A 43 -10.96 12.88 -10.81
C HIS A 43 -10.26 12.12 -11.94
N ARG A 44 -10.18 10.79 -11.79
CA ARG A 44 -9.54 9.95 -12.79
C ARG A 44 -10.08 10.24 -14.18
N VAL A 45 -11.38 10.55 -14.26
CA VAL A 45 -12.03 10.85 -15.53
C VAL A 45 -11.65 12.24 -16.02
N LEU A 46 -11.43 13.15 -15.09
CA LEU A 46 -11.06 14.52 -15.43
C LEU A 46 -9.62 14.59 -15.92
N GLY A 47 -8.70 13.99 -15.15
CA GLY A 47 -7.30 13.99 -15.51
C GLY A 47 -7.04 13.23 -16.79
N PHE A 48 -7.59 12.02 -16.89
CA PHE A 48 -7.40 11.19 -18.07
C PHE A 48 -8.39 11.58 -19.17
N LYS A 49 -9.63 11.14 -19.02
CA LYS A 49 -10.68 11.45 -19.99
C LYS A 49 -12.01 10.85 -19.56
N GLU A 50 -13.01 10.97 -20.43
CA GLU A 50 -14.34 10.43 -20.14
C GLU A 50 -14.83 9.53 -21.28
N MET A 1 0.49 -4.44 20.78
CA MET A 1 0.33 -5.86 21.03
C MET A 1 -0.22 -6.57 19.80
N ASP A 2 -1.42 -6.17 19.38
CA ASP A 2 -2.07 -6.76 18.22
C ASP A 2 -1.70 -6.01 16.94
N SER A 3 -1.64 -4.69 17.05
CA SER A 3 -1.30 -3.84 15.91
C SER A 3 -0.21 -2.84 16.26
N ALA A 4 0.88 -2.84 15.50
CA ALA A 4 1.99 -1.93 15.74
C ALA A 4 3.08 -2.13 14.70
N PRO A 5 2.78 -1.76 13.44
CA PRO A 5 3.73 -1.88 12.32
C PRO A 5 4.88 -0.89 12.44
N PHE A 6 4.55 0.38 12.69
CA PHE A 6 5.57 1.41 12.82
C PHE A 6 6.62 1.03 13.86
N GLU A 7 6.18 0.30 14.88
CA GLU A 7 7.08 -0.14 15.95
C GLU A 7 8.06 -1.17 15.43
N LEU A 8 7.63 -1.96 14.45
CA LEU A 8 8.48 -3.00 13.86
C LEU A 8 9.71 -2.39 13.20
N PHE A 9 9.55 -1.19 12.66
CA PHE A 9 10.65 -0.50 12.00
C PHE A 9 11.83 -0.31 12.95
N PHE A 10 11.52 -0.07 14.22
CA PHE A 10 12.56 0.13 15.23
C PHE A 10 12.98 -1.20 15.84
N MET A 11 12.11 -2.19 15.74
CA MET A 11 12.39 -3.52 16.29
C MET A 11 13.41 -4.25 15.42
N ILE A 12 12.98 -4.65 14.22
CA ILE A 12 13.85 -5.37 13.30
C ILE A 12 13.94 -4.64 11.96
N ASN A 13 14.92 -5.04 11.14
CA ASN A 13 15.11 -4.43 9.83
C ASN A 13 14.23 -5.10 8.78
N THR A 14 13.97 -6.39 8.98
CA THR A 14 13.14 -7.15 8.05
C THR A 14 11.84 -6.40 7.74
N SER A 15 11.34 -5.66 8.71
CA SER A 15 10.11 -4.90 8.54
C SER A 15 10.16 -4.06 7.26
N ILE A 16 11.36 -3.62 6.91
CA ILE A 16 11.54 -2.81 5.71
C ILE A 16 11.54 -3.67 4.45
N LEU A 17 12.11 -4.86 4.56
CA LEU A 17 12.18 -5.79 3.44
C LEU A 17 10.79 -6.35 3.12
N LEU A 18 10.16 -6.95 4.11
CA LEU A 18 8.83 -7.52 3.95
C LEU A 18 7.88 -6.51 3.31
N ILE A 19 7.62 -5.42 4.01
CA ILE A 19 6.72 -4.38 3.50
C ILE A 19 7.12 -3.96 2.09
N PHE A 20 8.42 -3.90 1.83
CA PHE A 20 8.92 -3.51 0.52
C PHE A 20 8.56 -4.55 -0.53
N ILE A 21 8.60 -5.82 -0.13
CA ILE A 21 8.26 -6.91 -1.04
C ILE A 21 6.76 -7.00 -1.28
N PHE A 22 5.99 -6.91 -0.21
CA PHE A 22 4.54 -6.98 -0.29
C PHE A 22 3.99 -5.76 -1.02
N ILE A 23 4.52 -4.59 -0.69
CA ILE A 23 4.07 -3.34 -1.31
C ILE A 23 4.32 -3.36 -2.80
N VAL A 24 5.57 -3.55 -3.20
CA VAL A 24 5.94 -3.59 -4.61
C VAL A 24 5.13 -4.66 -5.35
N LEU A 25 4.79 -5.74 -4.65
CA LEU A 25 4.02 -6.82 -5.24
C LEU A 25 2.57 -6.42 -5.43
N LEU A 26 1.97 -5.87 -4.37
CA LEU A 26 0.58 -5.44 -4.42
C LEU A 26 0.32 -4.55 -5.62
N ILE A 27 1.13 -3.49 -5.76
CA ILE A 27 0.99 -2.56 -6.87
C ILE A 27 0.91 -3.30 -8.19
N HIS A 28 1.60 -4.44 -8.28
CA HIS A 28 1.60 -5.25 -9.49
C HIS A 28 0.19 -5.73 -9.82
N PHE A 29 -0.54 -6.18 -8.80
CA PHE A 29 -1.90 -6.67 -8.98
C PHE A 29 -2.90 -5.52 -8.98
N GLU A 30 -2.54 -4.44 -8.29
CA GLU A 30 -3.41 -3.27 -8.21
C GLU A 30 -3.44 -2.52 -9.54
N GLY A 31 -2.32 -2.53 -10.24
CA GLY A 31 -2.22 -1.84 -11.51
C GLY A 31 -3.40 -2.13 -12.41
N TRP A 32 -3.93 -3.35 -12.32
CA TRP A 32 -5.07 -3.75 -13.14
C TRP A 32 -6.39 -3.34 -12.48
N ARG A 33 -6.42 -3.40 -11.15
CA ARG A 33 -7.62 -3.03 -10.40
C ARG A 33 -7.98 -1.57 -10.65
N ILE A 34 -7.02 -0.79 -11.11
CA ILE A 34 -7.24 0.62 -11.40
C ILE A 34 -8.51 0.82 -12.23
N SER A 35 -8.81 -0.14 -13.09
CA SER A 35 -10.00 -0.08 -13.93
C SER A 35 -11.26 -0.34 -13.12
N PHE A 36 -11.27 -1.47 -12.41
CA PHE A 36 -12.43 -1.83 -11.59
C PHE A 36 -12.70 -0.77 -10.54
N TYR A 37 -11.64 -0.13 -10.04
CA TYR A 37 -11.77 0.90 -9.03
C TYR A 37 -11.68 2.29 -9.64
N TRP A 38 -12.17 2.41 -10.88
CA TRP A 38 -12.14 3.68 -11.58
C TRP A 38 -13.08 4.69 -10.93
N ASN A 39 -14.20 4.20 -10.42
CA ASN A 39 -15.18 5.06 -9.77
C ASN A 39 -14.57 5.78 -8.58
N VAL A 40 -13.70 5.07 -7.84
CA VAL A 40 -13.04 5.65 -6.69
C VAL A 40 -11.88 6.55 -7.10
N SER A 41 -11.60 7.55 -6.28
CA SER A 41 -10.51 8.48 -6.57
C SER A 41 -10.32 9.47 -5.41
N VAL A 42 -9.52 10.50 -5.65
CA VAL A 42 -9.25 11.51 -4.63
C VAL A 42 -10.54 12.19 -4.18
N HIS A 43 -11.50 12.31 -5.10
CA HIS A 43 -12.78 12.94 -4.80
C HIS A 43 -13.39 12.33 -3.54
N ARG A 44 -13.28 11.02 -3.40
CA ARG A 44 -13.83 10.33 -2.25
C ARG A 44 -13.34 10.96 -0.94
N VAL A 45 -12.10 11.43 -0.96
CA VAL A 45 -11.50 12.07 0.21
C VAL A 45 -12.28 13.32 0.61
N LEU A 46 -12.85 13.99 -0.38
CA LEU A 46 -13.62 15.20 -0.13
C LEU A 46 -14.67 14.98 0.95
N GLY A 47 -15.42 13.90 0.82
CA GLY A 47 -16.44 13.58 1.80
C GLY A 47 -17.77 13.21 1.15
N PHE A 48 -17.79 12.08 0.45
CA PHE A 48 -19.00 11.62 -0.23
C PHE A 48 -20.17 11.56 0.75
N LYS A 49 -19.86 11.22 2.00
CA LYS A 49 -20.89 11.11 3.04
C LYS A 49 -20.38 11.65 4.37
N GLU A 50 -21.25 12.34 5.10
CA GLU A 50 -20.89 12.91 6.39
C GLU A 50 -21.15 11.91 7.52
N MET A 1 0.08 1.47 10.53
CA MET A 1 -0.41 2.77 10.06
C MET A 1 -1.07 3.54 11.20
N ASP A 2 -1.74 2.82 12.09
CA ASP A 2 -2.40 3.45 13.23
C ASP A 2 -1.67 3.14 14.53
N SER A 3 -1.08 1.95 14.60
CA SER A 3 -0.36 1.52 15.80
C SER A 3 1.13 1.82 15.65
N ALA A 4 1.45 2.94 15.02
CA ALA A 4 2.83 3.36 14.82
C ALA A 4 3.65 2.23 14.20
N PRO A 5 3.52 2.06 12.87
CA PRO A 5 4.23 1.02 12.13
C PRO A 5 5.73 1.30 12.05
N PHE A 6 6.08 2.58 12.00
CA PHE A 6 7.49 2.98 11.91
C PHE A 6 8.32 2.29 12.99
N GLU A 7 7.68 1.99 14.12
CA GLU A 7 8.37 1.33 15.22
C GLU A 7 9.09 0.07 14.75
N LEU A 8 8.50 -0.59 13.75
CA LEU A 8 9.08 -1.81 13.19
C LEU A 8 10.46 -1.53 12.59
N PHE A 9 10.61 -0.35 12.01
CA PHE A 9 11.87 0.05 11.39
C PHE A 9 12.99 0.10 12.41
N PHE A 10 12.65 0.49 13.64
CA PHE A 10 13.63 0.59 14.71
C PHE A 10 13.82 -0.77 15.38
N MET A 11 12.80 -1.61 15.31
CA MET A 11 12.86 -2.95 15.91
C MET A 11 13.78 -3.86 15.10
N ILE A 12 13.31 -4.29 13.94
CA ILE A 12 14.09 -5.17 13.09
C ILE A 12 14.21 -4.60 11.68
N ASN A 13 15.13 -5.16 10.90
CA ASN A 13 15.35 -4.70 9.52
C ASN A 13 14.39 -5.41 8.56
N THR A 14 14.16 -6.70 8.80
CA THR A 14 13.27 -7.48 7.96
C THR A 14 11.93 -6.78 7.78
N SER A 15 11.48 -6.06 8.82
CA SER A 15 10.22 -5.35 8.77
C SER A 15 10.12 -4.48 7.52
N ILE A 16 11.18 -3.72 7.27
CA ILE A 16 11.22 -2.84 6.09
C ILE A 16 11.25 -3.65 4.81
N LEU A 17 12.09 -4.67 4.77
CA LEU A 17 12.21 -5.52 3.59
C LEU A 17 10.85 -6.11 3.20
N LEU A 18 10.16 -6.70 4.17
CA LEU A 18 8.86 -7.29 3.93
C LEU A 18 7.91 -6.29 3.27
N ILE A 19 7.76 -5.13 3.90
CA ILE A 19 6.89 -4.08 3.38
C ILE A 19 7.24 -3.75 1.93
N PHE A 20 8.53 -3.70 1.64
CA PHE A 20 9.00 -3.39 0.30
C PHE A 20 8.59 -4.49 -0.68
N ILE A 21 8.61 -5.73 -0.21
CA ILE A 21 8.25 -6.87 -1.04
C ILE A 21 6.74 -6.92 -1.26
N PHE A 22 5.98 -6.77 -0.19
CA PHE A 22 4.53 -6.80 -0.27
C PHE A 22 4.00 -5.59 -1.05
N ILE A 23 4.57 -4.43 -0.77
CA ILE A 23 4.16 -3.21 -1.45
C ILE A 23 4.37 -3.31 -2.96
N VAL A 24 5.61 -3.56 -3.36
CA VAL A 24 5.94 -3.69 -4.78
C VAL A 24 5.09 -4.76 -5.45
N LEU A 25 4.74 -5.79 -4.69
CA LEU A 25 3.93 -6.89 -5.20
C LEU A 25 2.49 -6.45 -5.38
N LEU A 26 1.93 -5.82 -4.36
CA LEU A 26 0.55 -5.35 -4.40
C LEU A 26 0.31 -4.50 -5.65
N ILE A 27 1.14 -3.49 -5.84
CA ILE A 27 1.02 -2.60 -7.00
C ILE A 27 0.90 -3.41 -8.29
N HIS A 28 1.53 -4.57 -8.32
CA HIS A 28 1.49 -5.44 -9.50
C HIS A 28 0.07 -5.88 -9.79
N PHE A 29 -0.65 -6.27 -8.74
CA PHE A 29 -2.03 -6.73 -8.89
C PHE A 29 -3.00 -5.56 -8.93
N GLU A 30 -2.61 -4.46 -8.27
CA GLU A 30 -3.44 -3.27 -8.22
C GLU A 30 -3.41 -2.53 -9.56
N GLY A 31 -2.28 -2.60 -10.24
CA GLY A 31 -2.14 -1.94 -11.52
C GLY A 31 -3.31 -2.23 -12.45
N TRP A 32 -3.81 -3.45 -12.41
CA TRP A 32 -4.92 -3.85 -13.25
C TRP A 32 -6.25 -3.40 -12.64
N ARG A 33 -6.34 -3.42 -11.32
CA ARG A 33 -7.55 -3.02 -10.62
C ARG A 33 -7.86 -1.55 -10.89
N ILE A 34 -6.85 -0.79 -11.29
CA ILE A 34 -7.02 0.62 -11.59
C ILE A 34 -8.24 0.86 -12.46
N SER A 35 -8.55 -0.10 -13.34
CA SER A 35 -9.68 0.00 -14.23
C SER A 35 -10.99 -0.25 -13.47
N PHE A 36 -11.05 -1.38 -12.78
CA PHE A 36 -12.25 -1.73 -12.01
C PHE A 36 -12.53 -0.70 -10.94
N TYR A 37 -11.49 -0.02 -10.48
CA TYR A 37 -11.62 1.01 -9.45
C TYR A 37 -12.03 2.34 -10.06
N TRP A 38 -12.26 2.35 -11.36
CA TRP A 38 -12.66 3.56 -12.07
C TRP A 38 -13.96 4.11 -11.50
N ASN A 39 -14.86 3.23 -11.10
CA ASN A 39 -16.14 3.62 -10.55
C ASN A 39 -15.95 4.55 -9.35
N VAL A 40 -14.93 4.27 -8.55
CA VAL A 40 -14.63 5.08 -7.37
C VAL A 40 -14.53 6.55 -7.73
N SER A 41 -14.99 7.42 -6.82
CA SER A 41 -14.95 8.86 -7.06
C SER A 41 -15.83 9.24 -8.24
N VAL A 42 -17.13 9.35 -8.00
CA VAL A 42 -18.08 9.72 -9.04
C VAL A 42 -17.83 11.14 -9.54
N HIS A 43 -17.67 12.07 -8.60
CA HIS A 43 -17.42 13.46 -8.95
C HIS A 43 -16.26 13.58 -9.93
N ARG A 44 -15.08 13.12 -9.51
CA ARG A 44 -13.90 13.18 -10.35
C ARG A 44 -14.15 12.51 -11.69
N VAL A 45 -14.96 11.45 -11.68
CA VAL A 45 -15.28 10.72 -12.90
C VAL A 45 -15.75 11.66 -14.00
N LEU A 46 -16.40 12.75 -13.60
CA LEU A 46 -16.90 13.74 -14.55
C LEU A 46 -15.94 14.92 -14.67
N GLY A 47 -15.33 15.28 -13.56
CA GLY A 47 -14.39 16.40 -13.56
C GLY A 47 -15.05 17.71 -13.22
N PHE A 48 -15.81 17.72 -12.13
CA PHE A 48 -16.51 18.93 -11.70
C PHE A 48 -15.53 20.10 -11.52
N LYS A 49 -16.03 21.31 -11.70
CA LYS A 49 -15.21 22.50 -11.56
C LYS A 49 -14.91 22.80 -10.10
N GLU A 50 -15.96 22.94 -9.30
CA GLU A 50 -15.80 23.21 -7.88
C GLU A 50 -15.43 21.95 -7.11
N MET A 1 4.58 -5.89 11.39
CA MET A 1 4.03 -6.71 10.33
C MET A 1 2.50 -6.74 10.41
N ASP A 2 1.97 -7.26 11.51
CA ASP A 2 0.53 -7.34 11.71
C ASP A 2 -0.07 -5.94 11.88
N SER A 3 0.67 -5.06 12.54
CA SER A 3 0.22 -3.69 12.78
C SER A 3 1.34 -2.84 13.32
N ALA A 4 1.08 -1.53 13.43
CA ALA A 4 2.08 -0.60 13.94
C ALA A 4 3.40 -0.74 13.20
N PRO A 5 3.42 -0.34 11.93
CA PRO A 5 4.62 -0.41 11.08
C PRO A 5 5.69 0.58 11.51
N PHE A 6 5.26 1.74 12.00
CA PHE A 6 6.20 2.77 12.45
C PHE A 6 7.16 2.23 13.49
N GLU A 7 6.61 1.71 14.58
CA GLU A 7 7.42 1.15 15.66
C GLU A 7 8.31 0.02 15.14
N LEU A 8 7.80 -0.73 14.16
CA LEU A 8 8.56 -1.83 13.57
C LEU A 8 9.85 -1.34 12.95
N PHE A 9 9.84 -0.11 12.46
CA PHE A 9 11.02 0.47 11.83
C PHE A 9 12.20 0.48 12.81
N PHE A 10 11.91 0.76 14.07
CA PHE A 10 12.94 0.81 15.10
C PHE A 10 13.15 -0.58 15.72
N MET A 11 12.14 -1.43 15.61
CA MET A 11 12.22 -2.77 16.16
C MET A 11 13.22 -3.62 15.37
N ILE A 12 12.85 -3.99 14.14
CA ILE A 12 13.71 -4.80 13.29
C ILE A 12 13.83 -4.20 11.89
N ASN A 13 14.80 -4.68 11.14
CA ASN A 13 15.02 -4.19 9.78
C ASN A 13 14.14 -4.93 8.78
N THR A 14 13.89 -6.20 9.06
CA THR A 14 13.07 -7.03 8.18
C THR A 14 11.76 -6.33 7.85
N SER A 15 11.24 -5.57 8.81
CA SER A 15 9.98 -4.85 8.61
C SER A 15 10.02 -4.04 7.32
N ILE A 16 11.20 -3.59 6.94
CA ILE A 16 11.37 -2.80 5.72
C ILE A 16 11.42 -3.71 4.49
N LEU A 17 12.08 -4.86 4.63
CA LEU A 17 12.20 -5.80 3.53
C LEU A 17 10.84 -6.38 3.15
N LEU A 18 10.19 -7.04 4.10
CA LEU A 18 8.89 -7.63 3.87
C LEU A 18 7.92 -6.62 3.24
N ILE A 19 7.76 -5.49 3.92
CA ILE A 19 6.89 -4.43 3.44
C ILE A 19 7.25 -4.02 2.02
N PHE A 20 8.54 -3.96 1.73
CA PHE A 20 9.03 -3.58 0.42
C PHE A 20 8.63 -4.62 -0.63
N ILE A 21 8.66 -5.89 -0.24
CA ILE A 21 8.30 -6.98 -1.14
C ILE A 21 6.79 -7.04 -1.35
N PHE A 22 6.05 -6.95 -0.26
CA PHE A 22 4.59 -6.99 -0.33
C PHE A 22 4.03 -5.76 -1.04
N ILE A 23 4.58 -4.60 -0.71
CA ILE A 23 4.15 -3.35 -1.32
C ILE A 23 4.37 -3.36 -2.83
N VAL A 24 5.61 -3.57 -3.23
CA VAL A 24 5.96 -3.61 -4.64
C VAL A 24 5.14 -4.67 -5.38
N LEU A 25 4.80 -5.74 -4.67
CA LEU A 25 4.02 -6.83 -5.26
C LEU A 25 2.56 -6.42 -5.43
N LEU A 26 1.98 -5.85 -4.37
CA LEU A 26 0.60 -5.40 -4.40
C LEU A 26 0.34 -4.50 -5.61
N ILE A 27 1.15 -3.46 -5.75
CA ILE A 27 1.01 -2.54 -6.85
C ILE A 27 0.90 -3.28 -8.18
N HIS A 28 1.58 -4.41 -8.28
CA HIS A 28 1.56 -5.22 -9.49
C HIS A 28 0.15 -5.70 -9.80
N PHE A 29 -0.56 -6.15 -8.77
CA PHE A 29 -1.93 -6.63 -8.93
C PHE A 29 -2.93 -5.48 -8.93
N GLU A 30 -2.57 -4.40 -8.24
CA GLU A 30 -3.43 -3.22 -8.15
C GLU A 30 -3.49 -2.50 -9.49
N GLY A 31 -2.38 -2.52 -10.22
CA GLY A 31 -2.32 -1.86 -11.51
C GLY A 31 -3.53 -2.17 -12.37
N TRP A 32 -4.05 -3.39 -12.25
CA TRP A 32 -5.20 -3.81 -13.03
C TRP A 32 -6.50 -3.39 -12.34
N ARG A 33 -6.50 -3.44 -11.01
CA ARG A 33 -7.68 -3.07 -10.24
C ARG A 33 -8.07 -1.63 -10.49
N ILE A 34 -7.11 -0.83 -10.97
CA ILE A 34 -7.36 0.57 -11.26
C ILE A 34 -8.63 0.75 -12.08
N SER A 35 -8.92 -0.22 -12.94
CA SER A 35 -10.11 -0.18 -13.78
C SER A 35 -11.36 -0.48 -12.96
N PHE A 36 -11.36 -1.61 -12.28
CA PHE A 36 -12.50 -2.02 -11.46
C PHE A 36 -12.81 -0.97 -10.40
N TYR A 37 -11.77 -0.30 -9.92
CA TYR A 37 -11.92 0.73 -8.90
C TYR A 37 -11.90 2.13 -9.52
N TRP A 38 -12.40 2.23 -10.75
CA TRP A 38 -12.43 3.51 -11.45
C TRP A 38 -13.40 4.48 -10.78
N ASN A 39 -14.54 3.96 -10.34
CA ASN A 39 -15.55 4.78 -9.69
C ASN A 39 -14.97 5.47 -8.46
N VAL A 40 -14.10 4.77 -7.74
CA VAL A 40 -13.48 5.32 -6.54
C VAL A 40 -12.38 6.30 -6.91
N SER A 41 -12.11 7.25 -6.01
CA SER A 41 -11.08 8.25 -6.23
C SER A 41 -10.20 8.42 -4.99
N VAL A 42 -8.97 7.96 -5.09
CA VAL A 42 -8.03 8.05 -3.98
C VAL A 42 -7.95 9.48 -3.44
N HIS A 43 -7.77 10.44 -4.35
CA HIS A 43 -7.70 11.85 -3.98
C HIS A 43 -8.89 12.25 -3.12
N ARG A 44 -10.08 11.91 -3.58
CA ARG A 44 -11.31 12.24 -2.86
C ARG A 44 -11.23 11.78 -1.41
N VAL A 45 -10.58 10.63 -1.20
CA VAL A 45 -10.43 10.09 0.15
C VAL A 45 -9.76 11.09 1.08
N LEU A 46 -8.87 11.90 0.52
CA LEU A 46 -8.16 12.91 1.30
C LEU A 46 -8.87 14.26 1.24
N GLY A 47 -9.47 14.55 0.08
CA GLY A 47 -10.17 15.81 -0.09
C GLY A 47 -9.48 16.74 -1.06
N PHE A 48 -9.91 16.72 -2.31
CA PHE A 48 -9.33 17.55 -3.35
C PHE A 48 -10.24 17.65 -4.57
N LYS A 49 -10.96 18.75 -4.68
CA LYS A 49 -11.87 18.96 -5.80
C LYS A 49 -11.16 18.74 -7.13
N GLU A 50 -10.07 19.47 -7.34
CA GLU A 50 -9.29 19.35 -8.57
C GLU A 50 -8.43 18.09 -8.56
N MET A 1 0.41 10.83 16.13
CA MET A 1 0.16 9.88 15.05
C MET A 1 -1.02 8.97 15.39
N ASP A 2 -1.64 8.41 14.35
CA ASP A 2 -2.78 7.52 14.55
C ASP A 2 -2.33 6.07 14.64
N SER A 3 -1.70 5.57 13.57
CA SER A 3 -1.22 4.20 13.54
C SER A 3 0.30 4.15 13.65
N ALA A 4 0.96 5.10 12.99
CA ALA A 4 2.41 5.17 13.01
C ALA A 4 3.04 3.81 12.68
N PRO A 5 2.97 3.43 11.39
CA PRO A 5 3.52 2.16 10.92
C PRO A 5 5.05 2.14 10.95
N PHE A 6 5.66 3.27 10.68
CA PHE A 6 7.12 3.38 10.68
C PHE A 6 7.71 2.79 11.96
N GLU A 7 6.95 2.90 13.06
CA GLU A 7 7.40 2.38 14.34
C GLU A 7 7.83 0.91 14.21
N LEU A 8 7.16 0.18 13.34
CA LEU A 8 7.48 -1.23 13.12
C LEU A 8 8.93 -1.40 12.68
N PHE A 9 9.42 -0.43 11.91
CA PHE A 9 10.78 -0.47 11.42
C PHE A 9 11.79 -0.37 12.58
N PHE A 10 11.43 0.40 13.60
CA PHE A 10 12.28 0.56 14.76
C PHE A 10 12.55 -0.77 15.45
N MET A 11 11.62 -1.71 15.30
CA MET A 11 11.74 -3.02 15.89
C MET A 11 12.80 -3.85 15.18
N ILE A 12 12.48 -4.31 13.97
CA ILE A 12 13.41 -5.11 13.18
C ILE A 12 13.62 -4.49 11.80
N ASN A 13 14.66 -4.97 11.11
CA ASN A 13 14.97 -4.46 9.77
C ASN A 13 14.08 -5.11 8.73
N THR A 14 13.70 -6.36 8.96
CA THR A 14 12.84 -7.09 8.03
C THR A 14 11.60 -6.28 7.67
N SER A 15 11.17 -5.43 8.61
CA SER A 15 9.99 -4.60 8.39
C SER A 15 10.06 -3.89 7.04
N ILE A 16 11.24 -3.36 6.72
CA ILE A 16 11.44 -2.66 5.45
C ILE A 16 11.41 -3.63 4.27
N LEU A 17 11.92 -4.84 4.49
CA LEU A 17 11.96 -5.86 3.46
C LEU A 17 10.55 -6.35 3.13
N LEU A 18 9.85 -6.85 4.16
CA LEU A 18 8.49 -7.34 3.98
C LEU A 18 7.63 -6.34 3.24
N ILE A 19 7.44 -5.16 3.85
CA ILE A 19 6.63 -4.11 3.24
C ILE A 19 7.08 -3.83 1.81
N PHE A 20 8.39 -3.88 1.58
CA PHE A 20 8.96 -3.63 0.26
C PHE A 20 8.53 -4.73 -0.71
N ILE A 21 8.46 -5.95 -0.23
CA ILE A 21 8.08 -7.09 -1.06
C ILE A 21 6.57 -7.10 -1.31
N PHE A 22 5.80 -6.87 -0.26
CA PHE A 22 4.34 -6.84 -0.37
C PHE A 22 3.87 -5.65 -1.20
N ILE A 23 4.46 -4.49 -0.93
CA ILE A 23 4.11 -3.27 -1.66
C ILE A 23 4.39 -3.42 -3.15
N VAL A 24 5.63 -3.73 -3.49
CA VAL A 24 6.02 -3.90 -4.89
C VAL A 24 5.17 -4.97 -5.56
N LEU A 25 4.78 -5.98 -4.80
CA LEU A 25 3.96 -7.06 -5.32
C LEU A 25 2.53 -6.60 -5.57
N LEU A 26 1.98 -5.90 -4.59
CA LEU A 26 0.61 -5.39 -4.69
C LEU A 26 0.44 -4.52 -5.93
N ILE A 27 1.29 -3.51 -6.07
CA ILE A 27 1.25 -2.60 -7.20
C ILE A 27 1.21 -3.39 -8.52
N HIS A 28 1.80 -4.57 -8.51
CA HIS A 28 1.84 -5.42 -9.70
C HIS A 28 0.42 -5.71 -10.20
N PHE A 29 -0.38 -6.35 -9.35
CA PHE A 29 -1.75 -6.69 -9.70
C PHE A 29 -2.70 -5.56 -9.32
N GLU A 30 -2.71 -5.21 -8.04
CA GLU A 30 -3.58 -4.15 -7.54
C GLU A 30 -3.26 -2.82 -8.22
N GLY A 31 -2.00 -2.41 -8.13
CA GLY A 31 -1.57 -1.17 -8.72
C GLY A 31 -2.00 -1.04 -10.17
N TRP A 32 -2.17 -2.18 -10.83
CA TRP A 32 -2.57 -2.21 -12.23
C TRP A 32 -3.75 -1.26 -12.48
N ARG A 33 -4.75 -1.33 -11.60
CA ARG A 33 -5.92 -0.48 -11.71
C ARG A 33 -5.70 0.87 -11.05
N ILE A 34 -4.93 0.87 -9.97
CA ILE A 34 -4.63 2.08 -9.24
C ILE A 34 -3.98 3.13 -10.14
N SER A 35 -3.25 2.65 -11.14
CA SER A 35 -2.57 3.53 -12.09
C SER A 35 -3.55 4.05 -13.15
N PHE A 36 -4.43 3.16 -13.61
CA PHE A 36 -5.41 3.53 -14.62
C PHE A 36 -6.35 4.63 -14.11
N TYR A 37 -6.61 4.59 -12.80
CA TYR A 37 -7.49 5.58 -12.19
C TYR A 37 -6.69 6.75 -11.62
N TRP A 38 -5.52 6.99 -12.19
CA TRP A 38 -4.65 8.07 -11.73
C TRP A 38 -4.70 9.25 -12.69
N ASN A 39 -4.82 8.95 -13.98
CA ASN A 39 -4.88 10.00 -15.01
C ASN A 39 -6.29 10.54 -15.14
N VAL A 40 -7.29 9.70 -14.86
CA VAL A 40 -8.69 10.11 -14.95
C VAL A 40 -8.92 11.42 -14.21
N SER A 41 -8.60 11.44 -12.92
CA SER A 41 -8.79 12.63 -12.10
C SER A 41 -7.96 12.54 -10.82
N VAL A 42 -6.98 13.44 -10.69
CA VAL A 42 -6.12 13.47 -9.52
C VAL A 42 -6.94 13.49 -8.23
N HIS A 43 -8.00 14.29 -8.22
CA HIS A 43 -8.87 14.40 -7.06
C HIS A 43 -9.36 13.02 -6.61
N ARG A 44 -9.76 12.20 -7.57
CA ARG A 44 -10.24 10.86 -7.28
C ARG A 44 -9.25 10.09 -6.43
N VAL A 45 -7.97 10.36 -6.64
CA VAL A 45 -6.90 9.70 -5.89
C VAL A 45 -7.02 9.99 -4.40
N LEU A 46 -7.52 11.18 -4.07
CA LEU A 46 -7.70 11.59 -2.68
C LEU A 46 -9.11 11.32 -2.21
N GLY A 47 -10.10 11.90 -2.89
CA GLY A 47 -11.48 11.71 -2.52
C GLY A 47 -11.86 10.24 -2.43
N PHE A 48 -11.40 9.45 -3.40
CA PHE A 48 -11.69 8.02 -3.43
C PHE A 48 -13.19 7.78 -3.24
N LYS A 49 -13.92 7.76 -4.35
CA LYS A 49 -15.36 7.53 -4.31
C LYS A 49 -15.81 6.71 -5.51
N GLU A 50 -16.67 5.73 -5.26
CA GLU A 50 -17.18 4.88 -6.33
C GLU A 50 -18.39 5.52 -7.01
N MET A 1 -3.31 -8.10 12.67
CA MET A 1 -2.16 -8.98 12.52
C MET A 1 -1.00 -8.53 13.41
N ASP A 2 -0.72 -7.23 13.37
CA ASP A 2 0.36 -6.67 14.18
C ASP A 2 0.02 -5.25 14.62
N SER A 3 0.61 -4.83 15.73
CA SER A 3 0.37 -3.49 16.27
C SER A 3 1.65 -2.67 16.27
N ALA A 4 1.53 -1.40 15.89
CA ALA A 4 2.68 -0.49 15.84
C ALA A 4 3.73 -1.00 14.86
N PRO A 5 3.42 -0.89 13.56
CA PRO A 5 4.32 -1.32 12.49
C PRO A 5 5.55 -0.43 12.37
N PHE A 6 5.34 0.88 12.43
CA PHE A 6 6.44 1.84 12.32
C PHE A 6 7.51 1.55 13.36
N GLU A 7 7.09 1.04 14.52
CA GLU A 7 8.02 0.71 15.59
C GLU A 7 8.86 -0.52 15.23
N LEU A 8 8.29 -1.39 14.42
CA LEU A 8 8.98 -2.61 13.99
C LEU A 8 10.25 -2.27 13.22
N PHE A 9 10.23 -1.14 12.52
CA PHE A 9 11.38 -0.71 11.74
C PHE A 9 12.64 -0.65 12.60
N PHE A 10 12.47 -0.26 13.86
CA PHE A 10 13.58 -0.16 14.79
C PHE A 10 13.88 -1.51 15.44
N MET A 11 12.90 -2.42 15.37
CA MET A 11 13.06 -3.75 15.95
C MET A 11 13.99 -4.60 15.11
N ILE A 12 13.51 -5.04 13.94
CA ILE A 12 14.31 -5.86 13.05
C ILE A 12 14.41 -5.23 11.66
N ASN A 13 15.33 -5.73 10.85
CA ASN A 13 15.53 -5.22 9.50
C ASN A 13 14.50 -5.82 8.54
N THR A 14 14.13 -7.07 8.78
CA THR A 14 13.16 -7.76 7.93
C THR A 14 11.89 -6.92 7.75
N SER A 15 11.58 -6.11 8.77
CA SER A 15 10.40 -5.26 8.72
C SER A 15 10.31 -4.50 7.40
N ILE A 16 11.33 -3.69 7.11
CA ILE A 16 11.38 -2.92 5.88
C ILE A 16 11.37 -3.83 4.66
N LEU A 17 12.05 -4.97 4.78
CA LEU A 17 12.12 -5.94 3.68
C LEU A 17 10.72 -6.41 3.28
N LEU A 18 10.01 -7.00 4.24
CA LEU A 18 8.66 -7.49 3.98
C LEU A 18 7.80 -6.42 3.32
N ILE A 19 7.69 -5.28 3.99
CA ILE A 19 6.90 -4.16 3.47
C ILE A 19 7.31 -3.82 2.05
N PHE A 20 8.61 -3.87 1.78
CA PHE A 20 9.13 -3.55 0.45
C PHE A 20 8.65 -4.57 -0.57
N ILE A 21 8.55 -5.83 -0.14
CA ILE A 21 8.11 -6.91 -1.02
C ILE A 21 6.60 -6.85 -1.25
N PHE A 22 5.86 -6.69 -0.16
CA PHE A 22 4.40 -6.61 -0.23
C PHE A 22 3.96 -5.36 -0.98
N ILE A 23 4.61 -4.24 -0.67
CA ILE A 23 4.28 -2.97 -1.31
C ILE A 23 4.50 -3.03 -2.82
N VAL A 24 5.73 -3.34 -3.21
CA VAL A 24 6.08 -3.44 -4.62
C VAL A 24 5.17 -4.45 -5.34
N LEU A 25 4.75 -5.47 -4.62
CA LEU A 25 3.88 -6.50 -5.18
C LEU A 25 2.46 -5.98 -5.37
N LEU A 26 1.93 -5.35 -4.32
CA LEU A 26 0.58 -4.81 -4.36
C LEU A 26 0.39 -3.92 -5.60
N ILE A 27 1.27 -2.95 -5.75
CA ILE A 27 1.21 -2.02 -6.88
C ILE A 27 1.11 -2.80 -8.20
N HIS A 28 1.74 -3.97 -8.25
CA HIS A 28 1.71 -4.80 -9.44
C HIS A 28 0.34 -5.42 -9.65
N PHE A 29 -0.19 -6.02 -8.60
CA PHE A 29 -1.51 -6.66 -8.66
C PHE A 29 -2.61 -5.63 -8.89
N GLU A 30 -2.38 -4.42 -8.37
CA GLU A 30 -3.35 -3.34 -8.53
C GLU A 30 -3.80 -3.20 -9.97
N GLY A 31 -2.89 -3.52 -10.90
CA GLY A 31 -3.21 -3.43 -12.32
C GLY A 31 -4.50 -4.13 -12.67
N TRP A 32 -4.54 -5.44 -12.41
CA TRP A 32 -5.73 -6.23 -12.71
C TRP A 32 -6.72 -6.20 -11.55
N ARG A 33 -6.22 -5.83 -10.37
CA ARG A 33 -7.06 -5.75 -9.18
C ARG A 33 -8.25 -4.83 -9.41
N ILE A 34 -8.13 -3.94 -10.39
CA ILE A 34 -9.19 -3.00 -10.72
C ILE A 34 -10.49 -3.73 -11.05
N SER A 35 -10.37 -4.90 -11.68
CA SER A 35 -11.53 -5.69 -12.04
C SER A 35 -12.03 -6.52 -10.86
N PHE A 36 -11.08 -7.02 -10.07
CA PHE A 36 -11.43 -7.82 -8.90
C PHE A 36 -12.06 -6.96 -7.81
N TYR A 37 -11.66 -5.69 -7.76
CA TYR A 37 -12.20 -4.76 -6.77
C TYR A 37 -13.71 -4.63 -6.90
N TRP A 38 -14.23 -5.01 -8.07
CA TRP A 38 -15.66 -4.92 -8.33
C TRP A 38 -16.45 -5.60 -7.21
N ASN A 39 -15.90 -6.68 -6.67
CA ASN A 39 -16.56 -7.42 -5.60
C ASN A 39 -15.79 -7.26 -4.29
N VAL A 40 -14.47 -7.24 -4.38
CA VAL A 40 -13.63 -7.10 -3.19
C VAL A 40 -13.46 -5.64 -2.82
N SER A 41 -13.45 -5.37 -1.51
CA SER A 41 -13.30 -4.00 -1.02
C SER A 41 -12.38 -3.98 0.20
N VAL A 42 -11.26 -4.68 0.11
CA VAL A 42 -10.30 -4.72 1.20
C VAL A 42 -9.93 -3.32 1.68
N HIS A 43 -9.54 -2.47 0.73
CA HIS A 43 -9.15 -1.10 1.06
C HIS A 43 -10.25 -0.41 1.87
N ARG A 44 -11.45 -0.34 1.29
CA ARG A 44 -12.57 0.30 1.97
C ARG A 44 -12.76 -0.27 3.37
N VAL A 45 -12.49 -1.57 3.52
CA VAL A 45 -12.63 -2.23 4.81
C VAL A 45 -11.79 -1.54 5.88
N LEU A 46 -10.67 -0.96 5.46
CA LEU A 46 -9.77 -0.28 6.38
C LEU A 46 -10.23 1.16 6.61
N GLY A 47 -10.14 1.98 5.55
CA GLY A 47 -10.56 3.36 5.65
C GLY A 47 -9.81 4.26 4.68
N PHE A 48 -10.16 4.17 3.41
CA PHE A 48 -9.52 4.99 2.38
C PHE A 48 -9.51 6.46 2.77
N LYS A 49 -10.66 7.11 2.62
CA LYS A 49 -10.79 8.53 2.96
C LYS A 49 -11.65 8.71 4.20
N GLU A 50 -12.78 8.01 4.24
CA GLU A 50 -13.70 8.10 5.38
C GLU A 50 -13.02 7.61 6.66
N MET A 1 1.73 -8.72 17.59
CA MET A 1 2.22 -7.45 17.10
C MET A 1 1.97 -7.30 15.60
N ASP A 2 0.78 -7.71 15.17
CA ASP A 2 0.40 -7.62 13.76
C ASP A 2 -0.45 -6.38 13.51
N SER A 3 -1.31 -6.05 14.46
CA SER A 3 -2.19 -4.89 14.35
C SER A 3 -1.37 -3.61 14.21
N ALA A 4 -0.28 -3.53 14.97
CA ALA A 4 0.58 -2.35 14.93
C ALA A 4 1.94 -2.69 14.32
N PRO A 5 1.98 -2.82 12.99
CA PRO A 5 3.20 -3.14 12.25
C PRO A 5 4.20 -1.98 12.27
N PHE A 6 3.68 -0.76 12.37
CA PHE A 6 4.54 0.42 12.39
C PHE A 6 5.61 0.31 13.46
N GLU A 7 5.28 -0.38 14.55
CA GLU A 7 6.21 -0.57 15.65
C GLU A 7 7.38 -1.46 15.23
N LEU A 8 7.10 -2.40 14.33
CA LEU A 8 8.14 -3.32 13.85
C LEU A 8 9.26 -2.56 13.16
N PHE A 9 8.94 -1.38 12.62
CA PHE A 9 9.92 -0.56 11.94
C PHE A 9 11.13 -0.29 12.84
N PHE A 10 10.85 0.00 14.11
CA PHE A 10 11.90 0.28 15.08
C PHE A 10 12.39 -1.00 15.74
N MET A 11 11.55 -2.03 15.72
CA MET A 11 11.89 -3.31 16.32
C MET A 11 12.95 -4.04 15.50
N ILE A 12 12.56 -4.54 14.33
CA ILE A 12 13.48 -5.25 13.46
C ILE A 12 13.61 -4.54 12.11
N ASN A 13 14.62 -4.93 11.34
CA ASN A 13 14.85 -4.34 10.02
C ASN A 13 14.03 -5.05 8.96
N THR A 14 13.76 -6.33 9.18
CA THR A 14 12.98 -7.12 8.24
C THR A 14 11.69 -6.41 7.85
N SER A 15 11.14 -5.66 8.79
CA SER A 15 9.89 -4.93 8.56
C SER A 15 10.00 -4.09 7.29
N ILE A 16 11.21 -3.65 6.97
CA ILE A 16 11.45 -2.84 5.78
C ILE A 16 11.48 -3.71 4.53
N LEU A 17 12.14 -4.85 4.62
CA LEU A 17 12.25 -5.77 3.49
C LEU A 17 10.89 -6.34 3.11
N LEU A 18 10.25 -6.98 4.07
CA LEU A 18 8.92 -7.57 3.84
C LEU A 18 7.98 -6.55 3.21
N ILE A 19 7.79 -5.43 3.89
CA ILE A 19 6.92 -4.38 3.40
C ILE A 19 7.29 -3.97 1.97
N PHE A 20 8.59 -3.92 1.70
CA PHE A 20 9.08 -3.55 0.38
C PHE A 20 8.67 -4.59 -0.66
N ILE A 21 8.66 -5.86 -0.26
CA ILE A 21 8.29 -6.94 -1.15
C ILE A 21 6.79 -6.99 -1.36
N PHE A 22 6.03 -6.91 -0.26
CA PHE A 22 4.58 -6.95 -0.32
C PHE A 22 4.03 -5.72 -1.04
N ILE A 23 4.60 -4.55 -0.72
CA ILE A 23 4.16 -3.30 -1.33
C ILE A 23 4.38 -3.33 -2.84
N VAL A 24 5.62 -3.54 -3.25
CA VAL A 24 5.97 -3.59 -4.67
C VAL A 24 5.14 -4.64 -5.40
N LEU A 25 4.80 -5.71 -4.69
CA LEU A 25 4.00 -6.79 -5.27
C LEU A 25 2.55 -6.37 -5.42
N LEU A 26 1.98 -5.81 -4.35
CA LEU A 26 0.59 -5.35 -4.37
C LEU A 26 0.32 -4.47 -5.59
N ILE A 27 1.13 -3.42 -5.75
CA ILE A 27 0.98 -2.51 -6.87
C ILE A 27 0.86 -3.26 -8.20
N HIS A 28 1.54 -4.41 -8.28
CA HIS A 28 1.51 -5.24 -9.48
C HIS A 28 0.09 -5.72 -9.77
N PHE A 29 -0.59 -6.22 -8.73
CA PHE A 29 -1.94 -6.72 -8.87
C PHE A 29 -2.95 -5.58 -8.88
N GLU A 30 -2.59 -4.48 -8.24
CA GLU A 30 -3.46 -3.31 -8.17
C GLU A 30 -3.47 -2.56 -9.49
N GLY A 31 -2.34 -2.57 -10.18
CA GLY A 31 -2.24 -1.89 -11.46
C GLY A 31 -3.41 -2.20 -12.37
N TRP A 32 -3.83 -3.46 -12.37
CA TRP A 32 -4.96 -3.88 -13.21
C TRP A 32 -6.28 -3.41 -12.63
N ARG A 33 -6.37 -3.41 -11.30
CA ARG A 33 -7.58 -2.99 -10.62
C ARG A 33 -7.89 -1.52 -10.90
N ILE A 34 -6.87 -0.78 -11.32
CA ILE A 34 -7.02 0.63 -11.63
C ILE A 34 -8.22 0.87 -12.53
N SER A 35 -8.52 -0.10 -13.38
CA SER A 35 -9.65 0.01 -14.30
C SER A 35 -10.97 -0.18 -13.56
N PHE A 36 -11.09 -1.28 -12.83
CA PHE A 36 -12.30 -1.58 -12.07
C PHE A 36 -12.57 -0.49 -11.04
N TYR A 37 -11.50 0.07 -10.49
CA TYR A 37 -11.62 1.13 -9.48
C TYR A 37 -11.37 2.50 -10.09
N TRP A 38 -11.76 2.65 -11.35
CA TRP A 38 -11.58 3.93 -12.05
C TRP A 38 -12.48 5.00 -11.46
N ASN A 39 -13.67 4.60 -11.03
CA ASN A 39 -14.62 5.54 -10.44
C ASN A 39 -14.03 6.21 -9.20
N VAL A 40 -13.27 5.45 -8.43
CA VAL A 40 -12.65 5.97 -7.22
C VAL A 40 -11.39 6.78 -7.55
N SER A 41 -11.05 7.71 -6.67
CA SER A 41 -9.88 8.56 -6.86
C SER A 41 -8.69 8.05 -6.05
N VAL A 42 -8.53 6.73 -5.99
CA VAL A 42 -7.44 6.13 -5.24
C VAL A 42 -6.09 6.52 -5.82
N HIS A 43 -6.04 6.74 -7.12
CA HIS A 43 -4.82 7.13 -7.80
C HIS A 43 -4.16 8.31 -7.09
N ARG A 44 -4.98 9.25 -6.63
CA ARG A 44 -4.48 10.42 -5.93
C ARG A 44 -3.53 10.03 -4.80
N VAL A 45 -3.80 8.88 -4.18
CA VAL A 45 -2.97 8.39 -3.09
C VAL A 45 -1.73 7.69 -3.61
N LEU A 46 -1.86 7.07 -4.79
CA LEU A 46 -0.74 6.35 -5.40
C LEU A 46 0.29 7.34 -5.95
N GLY A 47 -0.18 8.31 -6.71
CA GLY A 47 0.72 9.30 -7.28
C GLY A 47 0.96 10.48 -6.35
N PHE A 48 -0.08 10.90 -5.65
CA PHE A 48 0.03 12.02 -4.71
C PHE A 48 0.84 13.15 -5.32
N LYS A 49 0.19 13.97 -6.13
CA LYS A 49 0.85 15.10 -6.79
C LYS A 49 0.77 16.35 -5.92
N GLU A 50 -0.44 16.92 -5.82
CA GLU A 50 -0.65 18.12 -5.01
C GLU A 50 -0.50 17.82 -3.53
#